data_6GNV
#
_entry.id   6GNV
#
_cell.length_a   48.700
_cell.length_b   90.420
_cell.length_c   53.680
_cell.angle_alpha   90.000
_cell.angle_beta   114.830
_cell.angle_gamma   90.000
#
_symmetry.space_group_name_H-M   'P 1 21 1'
#
loop_
_entity.id
_entity.type
_entity.pdbx_description
1 polymer 'Glycylpeptide N-tetradecanoyltransferase'
2 non-polymer TETRADECANOYL-COA
3 non-polymer ~{N}-[2-methyl-5-(2-methylpropyl)indazol-4-yl]-4-[4-(1-methylpiperidin-4-yl)butyl]benzenesulfonamide
4 non-polymer GLYCEROL
5 water water
#
_entity_poly.entity_id   1
_entity_poly.type   'polypeptide(L)'
_entity_poly.pdbx_seq_one_letter_code
;AHAFWSTQPVPQTEDETEKIVFAGPMDEPKTVADIPEEPYPIASTFEWWTPNMEAADDIHAIYELLRDNYVEDDDSMFRF
NYSEEFLQWALCPPNYIPDWHVAVRRKADKKLLAFIAGVPVTLRMGTPKYMKVKAQEKGEGEEAAKYDEPRHICEINFLC
VHKQLREKRLAPILIKEATRRVNRTNVWQAVYTAGVLLPTPYASGQYFHRSLNPEKLVEIRFAGAPAQYAAFANPMAMLK
RNYQLPSAPKNSGLREMKPSDVPQVRRILMNYLDSFDVGPVFSDAEISHYLLPRDGVVFTYVVENDKKVTDFFSFYRIPS
TVIGNANYNLLNAAYVHYYAATSIPLHQLILDLLIVAHSRGFDVCNMVEILDNRSFVEQLKFGAGDGHLRYYFYNWAYPK
IKPSQVALVML
;
_entity_poly.pdbx_strand_id   A
#
loop_
_chem_comp.id
_chem_comp.type
_chem_comp.name
_chem_comp.formula
F5E non-polymer ~{N}-[2-methyl-5-(2-methylpropyl)indazol-4-yl]-4-[4-(1-methylpiperidin-4-yl)butyl]benzenesulfonamide 'C28 H40 N4 O2 S'
GOL non-polymer GLYCEROL 'C3 H8 O3'
MYA non-polymer TETRADECANOYL-COA 'C35 H62 N7 O17 P3 S'
#
# COMPACT_ATOMS: atom_id res chain seq x y z
N ALA A 1 -1.26 26.90 4.04
CA ALA A 1 -2.50 26.96 4.88
C ALA A 1 -3.26 25.64 4.84
N HIS A 2 -3.20 24.97 5.99
CA HIS A 2 -3.83 23.71 6.20
C HIS A 2 -4.70 23.85 7.43
N ALA A 3 -5.91 24.32 7.18
CA ALA A 3 -6.84 24.56 8.26
C ALA A 3 -7.04 23.25 9.11
N PHE A 4 -7.00 22.07 8.50
CA PHE A 4 -7.08 20.84 9.29
C PHE A 4 -5.68 20.38 9.80
N TRP A 5 -4.77 20.14 8.87
CA TRP A 5 -3.49 19.53 9.17
C TRP A 5 -2.64 20.33 10.11
N SER A 6 -2.81 21.65 10.17
CA SER A 6 -2.04 22.52 11.14
C SER A 6 -2.45 22.33 12.63
N THR A 7 -3.58 21.72 12.89
CA THR A 7 -4.03 21.43 14.25
C THR A 7 -3.72 19.96 14.64
N GLN A 8 -2.89 19.27 13.87
CA GLN A 8 -2.72 17.84 14.09
C GLN A 8 -1.32 17.52 14.52
N PRO A 9 -1.11 16.40 15.22
CA PRO A 9 0.22 16.00 15.67
C PRO A 9 1.07 15.33 14.59
N VAL A 10 1.50 16.15 13.65
CA VAL A 10 2.35 15.74 12.56
C VAL A 10 3.39 16.88 12.39
N PRO A 11 4.60 16.56 11.97
CA PRO A 11 5.43 17.66 11.60
C PRO A 11 4.80 18.55 10.51
N GLN A 12 5.08 19.86 10.60
CA GLN A 12 4.35 20.85 9.78
C GLN A 12 5.06 21.32 8.52
N THR A 13 6.40 21.17 8.44
CA THR A 13 7.17 21.53 7.24
C THR A 13 8.30 20.52 6.98
N GLU A 14 8.71 20.39 5.71
CA GLU A 14 9.87 19.60 5.32
C GLU A 14 11.02 19.93 6.26
N ASP A 15 11.13 21.21 6.62
CA ASP A 15 12.17 21.68 7.57
C ASP A 15 12.15 21.09 8.99
N GLU A 16 11.00 21.18 9.64
CA GLU A 16 10.86 20.55 10.94
C GLU A 16 11.30 19.07 10.83
N THR A 17 10.79 18.37 9.81
CA THR A 17 11.13 16.95 9.59
C THR A 17 12.60 16.68 9.27
N GLU A 18 13.25 17.64 8.63
CA GLU A 18 14.65 17.43 8.30
C GLU A 18 15.57 17.68 9.48
N LYS A 19 15.08 18.28 10.57
CA LYS A 19 15.91 18.43 11.77
C LYS A 19 15.56 17.45 12.91
N ILE A 20 14.63 16.53 12.65
CA ILE A 20 14.33 15.44 13.59
C ILE A 20 15.43 14.40 13.50
N VAL A 21 15.84 13.89 14.66
CA VAL A 21 16.87 12.86 14.74
C VAL A 21 16.29 11.56 15.36
N PHE A 22 15.51 11.65 16.43
CA PHE A 22 15.03 10.44 17.09
C PHE A 22 13.53 10.16 16.87
N ALA A 23 13.16 8.89 16.76
CA ALA A 23 11.75 8.52 16.69
C ALA A 23 11.10 8.77 18.02
N GLY A 24 9.86 9.24 18.00
CA GLY A 24 9.10 9.37 19.22
C GLY A 24 7.79 10.09 18.97
N PRO A 25 6.87 10.02 19.91
CA PRO A 25 5.57 10.62 19.85
C PRO A 25 5.64 12.15 19.72
N MET A 26 4.60 12.81 19.24
CA MET A 26 4.61 14.26 19.17
C MET A 26 3.77 14.83 20.28
N ASP A 27 2.63 14.24 20.54
CA ASP A 27 1.66 14.74 21.46
C ASP A 27 2.10 14.35 22.84
N GLU A 28 1.70 15.17 23.80
CA GLU A 28 1.57 14.80 25.20
C GLU A 28 0.93 13.44 25.37
N PRO A 29 1.36 12.71 26.39
CA PRO A 29 0.69 11.42 26.54
C PRO A 29 -0.79 11.56 26.96
N LYS A 30 -1.63 10.65 26.49
CA LYS A 30 -3.06 10.66 26.78
C LYS A 30 -3.46 9.26 27.19
N THR A 31 -4.64 9.14 27.74
CA THR A 31 -5.20 7.85 28.17
C THR A 31 -6.46 7.63 27.40
N VAL A 32 -6.93 6.39 27.37
CA VAL A 32 -8.24 6.10 26.81
C VAL A 32 -9.37 6.91 27.51
N ALA A 33 -9.34 6.96 28.86
CA ALA A 33 -10.24 7.80 29.66
C ALA A 33 -10.36 9.25 29.15
N ASP A 34 -9.24 9.83 28.68
CA ASP A 34 -9.26 11.18 28.14
C ASP A 34 -10.09 11.39 26.89
N ILE A 35 -10.32 10.31 26.14
CA ILE A 35 -10.89 10.38 24.81
C ILE A 35 -12.40 10.28 24.86
N PRO A 36 -13.10 11.13 24.08
CA PRO A 36 -14.52 11.14 24.02
C PRO A 36 -15.07 9.77 23.76
N GLU A 37 -16.06 9.39 24.53
CA GLU A 37 -16.67 8.12 24.37
C GLU A 37 -17.76 8.13 23.28
N GLU A 38 -18.27 9.31 22.92
CA GLU A 38 -19.30 9.42 21.85
C GLU A 38 -18.71 9.79 20.50
N PRO A 39 -19.34 9.30 19.40
CA PRO A 39 -18.77 9.70 18.14
C PRO A 39 -18.73 11.19 17.99
N TYR A 40 -17.87 11.64 17.08
CA TYR A 40 -17.76 13.02 16.73
C TYR A 40 -19.06 13.52 16.03
N PRO A 41 -19.62 14.66 16.46
CA PRO A 41 -20.86 15.22 15.92
C PRO A 41 -20.82 15.41 14.40
N ILE A 42 -21.87 15.02 13.70
CA ILE A 42 -22.06 15.30 12.26
C ILE A 42 -23.48 15.78 12.01
N ALA A 43 -23.69 16.47 10.91
CA ALA A 43 -25.05 16.82 10.44
C ALA A 43 -26.07 15.71 10.72
N SER A 44 -27.25 16.13 11.15
CA SER A 44 -28.34 15.23 11.47
C SER A 44 -28.93 14.56 10.23
N THR A 45 -28.59 15.05 9.04
CA THR A 45 -28.88 14.33 7.80
C THR A 45 -28.00 13.08 7.66
N PHE A 46 -26.83 13.10 8.33
CA PHE A 46 -25.88 12.00 8.21
C PHE A 46 -25.85 11.12 9.43
N GLU A 47 -25.27 9.94 9.29
CA GLU A 47 -25.00 9.08 10.44
C GLU A 47 -23.70 8.30 10.28
N TRP A 48 -23.08 7.98 11.42
CA TRP A 48 -21.96 7.11 11.44
C TRP A 48 -22.47 5.73 11.26
N TRP A 49 -21.80 4.97 10.38
CA TRP A 49 -22.05 3.53 10.15
C TRP A 49 -20.74 2.72 10.28
N THR A 50 -20.75 1.64 11.06
CA THR A 50 -19.66 0.68 11.06
C THR A 50 -20.08 -0.49 10.17
N PRO A 51 -19.63 -0.51 8.91
CA PRO A 51 -20.05 -1.64 8.04
C PRO A 51 -19.56 -2.96 8.59
N ASN A 52 -20.26 -4.02 8.24
CA ASN A 52 -19.84 -5.38 8.56
C ASN A 52 -19.17 -6.03 7.33
N MET A 53 -17.90 -6.37 7.50
CA MET A 53 -17.08 -6.87 6.42
C MET A 53 -17.31 -8.34 6.14
N GLU A 54 -18.17 -8.95 6.95
CA GLU A 54 -18.67 -10.29 6.69
C GLU A 54 -20.02 -10.25 5.94
N ALA A 55 -20.64 -9.07 5.84
CA ALA A 55 -21.84 -8.85 5.03
C ALA A 55 -21.41 -8.49 3.61
N ALA A 56 -21.77 -9.37 2.66
CA ALA A 56 -21.43 -9.19 1.26
C ALA A 56 -22.05 -7.91 0.70
N ASP A 57 -23.16 -7.51 1.33
CA ASP A 57 -23.92 -6.35 0.99
C ASP A 57 -23.24 -5.04 1.44
N ASP A 58 -22.63 -5.05 2.62
CA ASP A 58 -21.83 -3.92 3.11
C ASP A 58 -20.55 -3.77 2.28
N ILE A 59 -19.89 -4.89 2.04
CA ILE A 59 -18.72 -4.95 1.16
C ILE A 59 -19.12 -4.44 -0.20
N HIS A 60 -20.25 -4.89 -0.71
CA HIS A 60 -20.78 -4.33 -1.96
C HIS A 60 -20.95 -2.82 -1.95
N ALA A 61 -21.54 -2.28 -0.90
CA ALA A 61 -21.67 -0.83 -0.84
C ALA A 61 -20.32 -0.07 -0.80
N ILE A 62 -19.36 -0.53 0.02
CA ILE A 62 -18.01 0.04 0.03
C ILE A 62 -17.36 -0.07 -1.36
N TYR A 63 -17.48 -1.24 -1.95
CA TYR A 63 -17.04 -1.52 -3.30
C TYR A 63 -17.49 -0.47 -4.34
N GLU A 64 -18.80 -0.14 -4.30
CA GLU A 64 -19.41 0.71 -5.36
C GLU A 64 -18.91 2.10 -5.18
N LEU A 65 -18.81 2.52 -3.92
CA LEU A 65 -18.31 3.84 -3.64
C LEU A 65 -16.90 3.98 -4.12
N LEU A 66 -16.02 3.00 -3.82
CA LEU A 66 -14.62 3.14 -4.23
C LEU A 66 -14.48 3.05 -5.72
N ARG A 67 -15.23 2.12 -6.32
CA ARG A 67 -15.28 2.01 -7.81
C ARG A 67 -15.54 3.35 -8.53
N ASP A 68 -16.52 4.09 -8.05
CA ASP A 68 -16.89 5.38 -8.66
C ASP A 68 -16.21 6.62 -8.07
N ASN A 69 -15.58 6.51 -6.90
CA ASN A 69 -15.08 7.72 -6.26
C ASN A 69 -13.65 7.71 -5.71
N TYR A 70 -12.95 6.58 -5.84
CA TYR A 70 -11.64 6.44 -5.22
C TYR A 70 -10.58 7.02 -6.13
N VAL A 71 -9.33 6.60 -5.94
CA VAL A 71 -8.16 7.26 -6.51
C VAL A 71 -8.03 7.17 -8.04
N GLU A 72 -7.78 8.35 -8.63
CA GLU A 72 -7.44 8.55 -10.02
C GLU A 72 -6.03 9.07 -10.12
N ASP A 73 -5.40 8.82 -11.25
CA ASP A 73 -4.12 9.46 -11.52
C ASP A 73 -4.37 10.97 -11.79
N ASP A 74 -3.27 11.74 -11.89
CA ASP A 74 -3.33 13.20 -12.04
C ASP A 74 -4.11 13.62 -13.27
N ASP A 75 -4.01 12.85 -14.34
CA ASP A 75 -4.75 13.20 -15.56
C ASP A 75 -6.08 12.55 -15.75
N SER A 76 -6.61 11.89 -14.74
CA SER A 76 -7.92 11.28 -14.85
C SER A 76 -8.09 10.25 -15.99
N MET A 77 -7.08 9.43 -16.18
CA MET A 77 -7.18 8.34 -17.14
C MET A 77 -7.65 7.00 -16.54
N PHE A 78 -7.33 6.82 -15.25
CA PHE A 78 -7.55 5.55 -14.51
C PHE A 78 -8.12 5.78 -13.12
N ARG A 79 -9.04 4.93 -12.68
CA ARG A 79 -9.42 4.95 -11.28
C ARG A 79 -9.33 3.52 -10.77
N PHE A 80 -8.78 3.33 -9.56
CA PHE A 80 -8.76 2.01 -8.91
C PHE A 80 -10.14 1.37 -8.86
N ASN A 81 -10.15 0.09 -9.14
CA ASN A 81 -11.39 -0.65 -9.02
C ASN A 81 -11.16 -1.94 -8.24
N TYR A 82 -10.80 -1.76 -6.98
CA TYR A 82 -10.60 -2.88 -6.08
C TYR A 82 -11.84 -3.74 -6.07
N SER A 83 -11.67 -5.06 -6.20
CA SER A 83 -12.80 -5.96 -6.18
C SER A 83 -13.34 -6.18 -4.77
N GLU A 84 -14.50 -6.80 -4.68
CA GLU A 84 -15.12 -7.12 -3.41
C GLU A 84 -14.27 -8.09 -2.60
N GLU A 85 -13.76 -9.12 -3.26
CA GLU A 85 -12.94 -10.11 -2.59
C GLU A 85 -11.63 -9.46 -2.08
N PHE A 86 -11.07 -8.54 -2.85
CA PHE A 86 -9.88 -7.77 -2.42
C PHE A 86 -10.21 -6.96 -1.18
N LEU A 87 -11.35 -6.25 -1.18
CA LEU A 87 -11.71 -5.44 0.00
C LEU A 87 -11.87 -6.25 1.30
N GLN A 88 -12.44 -7.42 1.18
CA GLN A 88 -12.63 -8.25 2.34
C GLN A 88 -11.28 -8.70 2.87
N TRP A 89 -10.41 -9.09 1.95
CA TRP A 89 -9.07 -9.50 2.30
C TRP A 89 -8.32 -8.34 2.97
N ALA A 90 -8.39 -7.15 2.38
CA ALA A 90 -7.61 -6.04 2.87
C ALA A 90 -8.15 -5.54 4.19
N LEU A 91 -9.46 -5.60 4.38
CA LEU A 91 -10.08 -4.97 5.57
C LEU A 91 -10.19 -5.90 6.78
N CYS A 92 -9.97 -7.18 6.57
CA CYS A 92 -10.19 -8.17 7.63
C CYS A 92 -8.99 -9.06 7.88
N PRO A 93 -7.82 -8.46 8.15
CA PRO A 93 -6.68 -9.29 8.52
C PRO A 93 -6.82 -9.87 9.95
N PRO A 94 -5.97 -10.82 10.33
CA PRO A 94 -6.13 -11.36 11.70
C PRO A 94 -6.20 -10.27 12.74
N ASN A 95 -7.15 -10.41 13.65
CA ASN A 95 -7.27 -9.47 14.79
C ASN A 95 -7.71 -8.04 14.43
N TYR A 96 -8.33 -7.89 13.29
CA TYR A 96 -8.85 -6.57 12.92
C TYR A 96 -9.99 -6.10 13.86
N ILE A 97 -10.14 -4.81 13.98
CA ILE A 97 -11.09 -4.23 14.89
C ILE A 97 -12.20 -3.68 14.04
N PRO A 98 -13.40 -4.28 14.13
CA PRO A 98 -14.46 -3.82 13.21
C PRO A 98 -14.79 -2.33 13.42
N ASP A 99 -14.63 -1.85 14.64
CA ASP A 99 -14.87 -0.47 14.96
C ASP A 99 -14.08 0.49 14.11
N TRP A 100 -12.90 0.05 13.63
CA TRP A 100 -12.02 0.91 12.91
C TRP A 100 -12.43 1.13 11.47
N HIS A 101 -13.53 0.53 11.05
CA HIS A 101 -13.98 0.75 9.71
C HIS A 101 -15.09 1.74 9.91
N VAL A 102 -14.94 2.91 9.33
CA VAL A 102 -15.81 4.01 9.63
C VAL A 102 -16.39 4.56 8.36
N ALA A 103 -17.73 4.56 8.30
CA ALA A 103 -18.51 5.02 7.16
C ALA A 103 -19.46 6.17 7.55
N VAL A 104 -19.76 7.04 6.60
CA VAL A 104 -20.83 8.04 6.72
C VAL A 104 -21.91 7.66 5.71
N ARG A 105 -23.13 7.54 6.21
CA ARG A 105 -24.32 7.28 5.41
C ARG A 105 -25.32 8.43 5.51
N ARG A 106 -26.05 8.67 4.43
CA ARG A 106 -27.23 9.58 4.45
C ARG A 106 -28.34 8.90 5.27
N LYS A 107 -28.82 9.54 6.35
CA LYS A 107 -29.92 8.95 7.19
C LYS A 107 -31.13 8.42 6.40
N ALA A 108 -31.60 9.23 5.45
CA ALA A 108 -32.76 8.85 4.59
C ALA A 108 -32.57 7.49 3.87
N ASP A 109 -32.00 7.51 2.67
CA ASP A 109 -31.84 6.33 1.80
C ASP A 109 -30.75 5.29 2.20
N LYS A 110 -30.13 5.50 3.36
CA LYS A 110 -28.93 4.75 3.78
C LYS A 110 -27.80 4.77 2.70
N LYS A 111 -27.73 5.82 1.88
CA LYS A 111 -26.67 5.95 0.90
C LYS A 111 -25.26 6.26 1.50
N LEU A 112 -24.28 5.49 1.06
CA LEU A 112 -22.93 5.58 1.56
C LEU A 112 -22.31 6.79 0.95
N LEU A 113 -21.80 7.70 1.78
CA LEU A 113 -21.26 8.94 1.24
C LEU A 113 -19.77 9.11 1.42
N ALA A 114 -19.18 8.35 2.35
CA ALA A 114 -17.77 8.48 2.70
C ALA A 114 -17.31 7.27 3.50
N PHE A 115 -16.00 7.00 3.44
CA PHE A 115 -15.45 5.81 4.13
C PHE A 115 -13.98 6.09 4.50
N ILE A 116 -13.55 5.56 5.65
CA ILE A 116 -12.13 5.42 5.95
C ILE A 116 -11.93 4.11 6.71
N ALA A 117 -10.79 3.47 6.50
CA ALA A 117 -10.52 2.18 7.15
C ALA A 117 -9.19 2.14 7.89
N GLY A 118 -9.21 1.60 9.09
CA GLY A 118 -8.01 1.36 9.82
C GLY A 118 -7.87 -0.12 10.02
N VAL A 119 -6.65 -0.64 9.87
CA VAL A 119 -6.40 -1.99 10.24
C VAL A 119 -5.15 -2.08 11.11
N PRO A 120 -5.10 -3.09 11.98
CA PRO A 120 -3.89 -3.22 12.82
C PRO A 120 -2.65 -3.61 12.05
N VAL A 121 -1.49 -3.10 12.50
CA VAL A 121 -0.23 -3.52 11.98
C VAL A 121 0.79 -3.44 13.10
N THR A 122 1.67 -4.45 13.14
CA THR A 122 2.78 -4.46 14.02
C THR A 122 3.92 -3.91 13.20
N LEU A 123 4.44 -2.75 13.60
CA LEU A 123 5.45 -2.02 12.83
C LEU A 123 6.73 -1.67 13.60
N ARG A 124 7.88 -1.93 13.02
CA ARG A 124 9.15 -1.40 13.51
C ARG A 124 9.26 0.00 12.94
N MET A 125 9.40 0.97 13.82
CA MET A 125 9.41 2.41 13.49
C MET A 125 10.29 3.20 14.48
N GLY A 126 11.33 2.53 14.97
CA GLY A 126 12.38 3.17 15.75
C GLY A 126 13.32 4.01 14.90
N THR A 127 14.17 4.75 15.59
CA THR A 127 15.14 5.57 14.93
C THR A 127 15.90 4.77 13.87
N PRO A 128 15.94 5.27 12.63
CA PRO A 128 16.70 4.63 11.57
C PRO A 128 18.14 4.30 12.01
N LYS A 129 18.70 3.22 11.50
CA LYS A 129 20.06 2.80 11.89
C LYS A 129 21.12 3.89 11.80
N TYR A 130 21.10 4.67 10.73
CA TYR A 130 22.15 5.62 10.58
C TYR A 130 22.09 6.63 11.72
N MET A 131 20.92 7.18 12.00
CA MET A 131 20.75 8.09 13.12
C MET A 131 21.05 7.40 14.48
N LYS A 132 20.75 6.12 14.60
CA LYS A 132 21.05 5.39 15.84
C LYS A 132 22.55 5.32 16.09
N VAL A 133 23.36 5.20 15.04
CA VAL A 133 24.80 5.07 15.28
C VAL A 133 25.38 6.45 15.66
N LYS A 134 25.05 7.49 14.90
CA LYS A 134 25.36 8.87 15.30
C LYS A 134 25.06 9.14 16.79
N ALA A 135 23.90 8.72 17.26
CA ALA A 135 23.50 9.01 18.61
C ALA A 135 24.37 8.23 19.59
N GLN A 136 24.53 6.92 19.33
CA GLN A 136 25.36 5.98 20.11
C GLN A 136 26.72 6.52 20.56
N GLU A 137 27.34 7.27 19.66
CA GLU A 137 28.67 7.80 19.86
C GLU A 137 28.66 9.26 20.30
N LYS A 138 27.48 9.80 20.62
CA LYS A 138 27.40 11.05 21.35
C LYS A 138 26.86 10.75 22.72
N GLY A 139 26.73 9.48 23.03
CA GLY A 139 26.21 9.05 24.31
C GLY A 139 24.70 8.99 24.41
N GLU A 140 24.01 9.06 23.25
CA GLU A 140 22.53 9.08 23.24
C GLU A 140 21.88 7.83 22.69
N GLY A 141 22.64 6.74 22.68
CA GLY A 141 22.18 5.47 22.17
C GLY A 141 20.87 5.04 22.78
N GLU A 142 20.72 5.26 24.08
CA GLU A 142 19.52 4.84 24.74
C GLU A 142 18.30 5.64 24.30
N GLU A 143 18.43 6.95 24.19
CA GLU A 143 17.37 7.77 23.66
C GLU A 143 16.98 7.25 22.29
N ALA A 144 17.96 7.15 21.41
CA ALA A 144 17.75 6.73 20.03
C ALA A 144 17.07 5.36 19.89
N ALA A 145 17.34 4.43 20.82
CA ALA A 145 16.80 3.10 20.76
C ALA A 145 15.53 2.91 21.60
N LYS A 146 15.06 3.97 22.22
CA LYS A 146 13.94 3.85 23.14
C LYS A 146 12.69 3.21 22.50
N TYR A 147 12.44 3.40 21.20
CA TYR A 147 11.19 2.90 20.57
C TYR A 147 11.45 1.89 19.44
N ASP A 148 12.50 1.10 19.64
CA ASP A 148 12.93 0.07 18.69
C ASP A 148 11.98 -1.13 18.63
N GLU A 149 11.30 -1.42 19.72
CA GLU A 149 10.36 -2.53 19.76
C GLU A 149 9.21 -2.32 18.76
N PRO A 150 8.89 -3.36 17.95
CA PRO A 150 7.74 -3.27 17.04
C PRO A 150 6.51 -2.76 17.77
N ARG A 151 5.73 -1.87 17.16
CA ARG A 151 4.57 -1.30 17.84
C ARG A 151 3.30 -1.72 17.19
N HIS A 152 2.26 -1.96 17.97
CA HIS A 152 0.95 -2.32 17.42
C HIS A 152 0.25 -1.02 17.16
N ILE A 153 0.18 -0.62 15.89
CA ILE A 153 -0.38 0.68 15.54
C ILE A 153 -1.50 0.45 14.59
N CYS A 154 -2.02 1.53 14.02
CA CYS A 154 -3.07 1.45 13.03
C CYS A 154 -2.51 1.84 11.64
N GLU A 155 -2.98 1.19 10.60
CA GLU A 155 -2.67 1.54 9.21
C GLU A 155 -3.96 2.03 8.52
N ILE A 156 -3.95 3.24 7.97
CA ILE A 156 -5.16 3.88 7.44
C ILE A 156 -5.14 3.79 5.94
N ASN A 157 -6.26 3.36 5.39
CA ASN A 157 -6.38 3.17 3.97
C ASN A 157 -7.83 3.49 3.55
N PHE A 158 -8.03 3.67 2.25
CA PHE A 158 -9.36 3.71 1.67
C PHE A 158 -10.19 4.89 2.10
N LEU A 159 -9.55 6.00 2.43
CA LEU A 159 -10.27 7.25 2.69
C LEU A 159 -10.92 7.68 1.37
N CYS A 160 -12.22 7.91 1.39
CA CYS A 160 -12.91 8.27 0.18
C CYS A 160 -14.18 9.07 0.46
N VAL A 161 -14.29 10.23 -0.18
CA VAL A 161 -15.50 11.00 -0.13
C VAL A 161 -16.20 11.03 -1.53
N HIS A 162 -17.48 10.74 -1.56
CA HIS A 162 -18.28 10.77 -2.79
C HIS A 162 -18.03 12.09 -3.53
N LYS A 163 -17.90 11.99 -4.84
CA LYS A 163 -17.66 13.21 -5.65
C LYS A 163 -18.67 14.35 -5.43
N GLN A 164 -19.91 14.02 -5.15
CA GLN A 164 -20.94 15.04 -4.95
C GLN A 164 -20.64 15.85 -3.70
N LEU A 165 -19.81 15.31 -2.82
CA LEU A 165 -19.64 15.88 -1.52
C LEU A 165 -18.25 16.40 -1.25
N ARG A 166 -17.45 16.53 -2.29
CA ARG A 166 -16.06 16.95 -2.15
C ARG A 166 -15.94 18.42 -1.75
N GLU A 167 -14.85 18.75 -1.05
CA GLU A 167 -14.50 20.13 -0.68
C GLU A 167 -15.47 20.78 0.29
N LYS A 168 -16.18 19.95 1.05
CA LYS A 168 -17.10 20.34 2.09
C LYS A 168 -16.55 19.99 3.47
N ARG A 169 -15.23 19.78 3.54
CA ARG A 169 -14.56 19.54 4.84
C ARG A 169 -15.05 18.24 5.53
N LEU A 170 -15.58 17.30 4.78
CA LEU A 170 -16.01 16.02 5.34
C LEU A 170 -14.82 15.07 5.62
N ALA A 171 -13.74 15.17 4.82
CA ALA A 171 -12.54 14.32 5.05
C ALA A 171 -11.93 14.56 6.46
N PRO A 172 -11.80 15.81 6.91
CA PRO A 172 -11.31 15.97 8.29
C PRO A 172 -12.13 15.35 9.37
N ILE A 173 -13.46 15.30 9.19
CA ILE A 173 -14.34 14.73 10.19
C ILE A 173 -14.16 13.20 10.29
N LEU A 174 -14.03 12.57 9.12
CA LEU A 174 -13.75 11.15 9.02
C LEU A 174 -12.42 10.82 9.71
N ILE A 175 -11.44 11.65 9.47
CA ILE A 175 -10.12 11.41 10.06
C ILE A 175 -10.16 11.57 11.60
N LYS A 176 -10.83 12.62 12.09
CA LYS A 176 -11.03 12.82 13.57
C LYS A 176 -11.78 11.64 14.25
N GLU A 177 -12.85 11.17 13.60
CA GLU A 177 -13.60 10.05 14.09
C GLU A 177 -12.79 8.76 14.09
N ALA A 178 -12.01 8.53 13.03
CA ALA A 178 -11.12 7.38 13.00
C ALA A 178 -10.10 7.47 14.10
N THR A 179 -9.47 8.64 14.25
CA THR A 179 -8.54 8.86 15.34
C THR A 179 -9.17 8.56 16.71
N ARG A 180 -10.38 9.05 16.95
CA ARG A 180 -11.07 8.83 18.21
C ARG A 180 -11.22 7.31 18.40
N ARG A 181 -11.74 6.60 17.42
CA ARG A 181 -11.95 5.14 17.57
C ARG A 181 -10.68 4.34 17.85
N VAL A 182 -9.59 4.75 17.23
CA VAL A 182 -8.32 4.17 17.41
C VAL A 182 -7.76 4.49 18.78
N ASN A 183 -7.79 5.76 19.18
CA ASN A 183 -7.35 6.16 20.47
C ASN A 183 -8.11 5.41 21.57
N ARG A 184 -9.40 5.12 21.34
CA ARG A 184 -10.22 4.45 22.35
C ARG A 184 -9.74 3.00 22.56
N THR A 185 -8.99 2.46 21.60
CA THR A 185 -8.35 1.14 21.69
C THR A 185 -6.97 1.25 22.28
N ASN A 186 -6.57 2.42 22.69
CA ASN A 186 -5.27 2.65 23.32
C ASN A 186 -4.11 2.57 22.28
N VAL A 187 -4.42 2.94 21.05
CA VAL A 187 -3.44 3.09 19.95
C VAL A 187 -3.22 4.60 19.65
N TRP A 188 -1.98 5.07 19.67
CA TRP A 188 -1.67 6.47 19.56
C TRP A 188 -0.98 6.90 18.26
N GLN A 189 -0.46 5.96 17.46
CA GLN A 189 0.19 6.21 16.16
C GLN A 189 -0.60 5.55 15.02
N ALA A 190 -0.44 6.10 13.81
CA ALA A 190 -0.92 5.47 12.59
C ALA A 190 0.13 5.65 11.49
N VAL A 191 0.13 4.76 10.50
CA VAL A 191 0.90 4.93 9.33
C VAL A 191 -0.10 5.03 8.17
N TYR A 192 0.19 5.89 7.20
CA TYR A 192 -0.64 6.01 6.00
C TYR A 192 0.25 6.46 4.84
N THR A 193 -0.18 6.14 3.62
CA THR A 193 0.42 6.65 2.41
C THR A 193 -0.64 7.38 1.58
N ALA A 194 -0.18 8.25 0.69
CA ALA A 194 -1.05 9.00 -0.22
C ALA A 194 -0.27 9.39 -1.43
N GLY A 195 -1.01 9.60 -2.52
CA GLY A 195 -0.46 10.11 -3.76
C GLY A 195 -0.21 11.61 -3.70
N VAL A 196 -0.79 12.28 -2.71
CA VAL A 196 -0.64 13.72 -2.59
C VAL A 196 0.36 14.08 -1.45
N LEU A 197 0.89 15.30 -1.57
CA LEU A 197 1.80 15.85 -0.60
C LEU A 197 0.99 16.52 0.47
N LEU A 198 1.23 16.09 1.69
CA LEU A 198 0.62 16.62 2.90
C LEU A 198 1.75 16.87 3.89
N PRO A 199 1.46 17.56 5.00
CA PRO A 199 2.44 17.66 6.07
C PRO A 199 2.45 16.35 6.87
N THR A 200 3.56 15.63 6.93
CA THR A 200 4.77 15.84 6.16
C THR A 200 5.37 14.44 5.97
N PRO A 201 5.71 14.05 4.72
CA PRO A 201 6.14 12.67 4.58
C PRO A 201 7.47 12.34 5.23
N TYR A 202 7.67 11.11 5.65
CA TYR A 202 9.01 10.70 6.04
C TYR A 202 9.76 10.00 4.93
N ALA A 203 9.04 9.64 3.86
CA ALA A 203 9.67 9.00 2.70
C ALA A 203 8.75 9.17 1.52
N SER A 204 9.31 9.08 0.36
CA SER A 204 8.56 9.35 -0.84
C SER A 204 9.22 8.56 -1.97
N GLY A 205 8.45 7.96 -2.82
CA GLY A 205 9.02 7.18 -3.91
C GLY A 205 8.14 7.22 -5.12
N GLN A 206 8.80 7.08 -6.27
CA GLN A 206 8.11 7.04 -7.55
C GLN A 206 7.46 5.67 -7.79
N TYR A 207 6.38 5.62 -8.56
CA TYR A 207 5.86 4.39 -9.09
C TYR A 207 6.60 4.01 -10.38
N PHE A 208 6.66 2.70 -10.63
CA PHE A 208 7.31 2.10 -11.79
C PHE A 208 6.37 1.02 -12.31
N HIS A 209 6.19 0.95 -13.64
CA HIS A 209 5.35 -0.06 -14.26
C HIS A 209 6.11 -0.76 -15.35
N ARG A 210 5.73 -2.01 -15.63
CA ARG A 210 6.23 -2.86 -16.69
C ARG A 210 5.08 -3.38 -17.55
N SER A 211 4.99 -3.00 -18.82
CA SER A 211 3.94 -3.56 -19.68
C SER A 211 4.09 -5.05 -19.82
N LEU A 212 2.98 -5.73 -19.74
CA LEU A 212 2.97 -7.14 -20.01
C LEU A 212 2.23 -7.38 -21.33
N ASN A 213 1.23 -6.55 -21.62
CA ASN A 213 0.47 -6.65 -22.85
C ASN A 213 0.52 -5.32 -23.56
N PRO A 214 1.61 -5.03 -24.28
CA PRO A 214 1.86 -3.70 -24.84
C PRO A 214 0.78 -3.23 -25.83
N GLU A 215 0.13 -4.19 -26.50
CA GLU A 215 -0.92 -3.92 -27.44
C GLU A 215 -1.99 -3.05 -26.80
N LYS A 216 -2.63 -3.59 -25.77
CA LYS A 216 -3.73 -2.93 -25.05
C LYS A 216 -3.33 -1.65 -24.37
N LEU A 217 -2.15 -1.63 -23.76
CA LEU A 217 -1.69 -0.42 -23.06
C LEU A 217 -1.59 0.75 -23.99
N VAL A 218 -1.27 0.47 -25.25
CA VAL A 218 -1.00 1.53 -26.22
C VAL A 218 -2.34 1.99 -26.79
N GLU A 219 -3.26 1.07 -27.04
CA GLU A 219 -4.60 1.45 -27.47
C GLU A 219 -5.35 2.19 -26.34
N ILE A 220 -4.82 2.13 -25.13
CA ILE A 220 -5.32 2.94 -24.03
C ILE A 220 -4.57 4.29 -23.96
N ARG A 221 -3.38 4.30 -23.36
CA ARG A 221 -2.76 5.51 -22.83
C ARG A 221 -2.29 6.59 -23.79
N PHE A 222 -2.47 6.41 -25.10
CA PHE A 222 -1.80 7.31 -26.06
C PHE A 222 -2.62 8.09 -27.12
N ALA A 223 -3.71 7.59 -27.69
CA ALA A 223 -4.18 6.21 -27.65
C ALA A 223 -3.62 5.42 -28.85
N GLY A 224 -2.51 5.90 -29.41
CA GLY A 224 -1.90 5.31 -30.60
C GLY A 224 -0.45 4.91 -30.37
N ALA A 225 0.31 4.78 -31.46
CA ALA A 225 1.72 4.35 -31.37
C ALA A 225 2.59 5.45 -30.76
N PRO A 226 3.28 5.14 -29.63
CA PRO A 226 3.83 6.17 -28.76
C PRO A 226 5.07 6.83 -29.35
N ALA A 227 5.64 7.77 -28.61
CA ALA A 227 6.70 8.66 -29.09
C ALA A 227 7.65 8.04 -30.14
N GLN A 228 8.60 7.23 -29.68
CA GLN A 228 9.77 6.84 -30.49
C GLN A 228 9.52 5.57 -31.31
N TYR A 229 8.36 4.94 -31.11
CA TYR A 229 7.99 3.71 -31.85
C TYR A 229 7.35 4.03 -33.20
N ALA A 230 6.43 5.00 -33.23
CA ALA A 230 6.00 5.58 -34.50
C ALA A 230 6.95 6.72 -34.78
N ALA A 231 8.22 6.38 -35.01
CA ALA A 231 9.26 7.40 -35.18
C ALA A 231 10.45 6.90 -35.98
N PHE A 232 10.90 5.68 -35.68
CA PHE A 232 11.90 5.04 -36.52
C PHE A 232 11.20 4.28 -37.66
N ALA A 233 9.93 3.89 -37.44
CA ALA A 233 8.96 3.57 -38.53
C ALA A 233 8.01 2.38 -38.27
N ASN A 234 8.56 1.24 -37.85
CA ASN A 234 7.73 0.06 -37.56
C ASN A 234 7.41 -0.03 -36.05
N PRO A 235 6.18 0.35 -35.64
CA PRO A 235 5.75 0.12 -34.26
C PRO A 235 5.03 -1.23 -34.10
N MET A 236 4.49 -1.44 -32.90
CA MET A 236 3.57 -2.55 -32.56
C MET A 236 4.15 -3.98 -32.55
N ALA A 237 4.68 -4.43 -33.70
CA ALA A 237 5.53 -5.64 -33.72
C ALA A 237 6.84 -5.31 -33.00
N MET A 238 7.29 -4.05 -33.10
CA MET A 238 8.45 -3.60 -32.33
C MET A 238 8.14 -3.48 -30.83
N LEU A 239 6.95 -2.98 -30.47
CA LEU A 239 6.56 -2.81 -29.05
C LEU A 239 6.41 -4.18 -28.39
N LYS A 240 5.72 -5.10 -29.07
CA LYS A 240 5.55 -6.49 -28.61
C LYS A 240 6.86 -7.20 -28.42
N ARG A 241 7.76 -7.07 -29.38
CA ARG A 241 9.06 -7.72 -29.28
C ARG A 241 9.83 -7.09 -28.13
N ASN A 242 9.71 -5.80 -27.91
CA ASN A 242 10.43 -5.16 -26.83
C ASN A 242 9.97 -5.67 -25.43
N TYR A 243 8.69 -5.98 -25.29
CA TYR A 243 8.15 -6.38 -23.96
C TYR A 243 7.76 -7.88 -23.81
N GLN A 244 8.12 -8.69 -24.80
CA GLN A 244 7.83 -10.12 -24.77
C GLN A 244 8.49 -10.86 -23.60
N LEU A 245 7.84 -11.93 -23.19
CA LEU A 245 8.27 -12.68 -22.02
C LEU A 245 8.13 -14.16 -22.29
N PRO A 246 8.96 -14.99 -21.63
CA PRO A 246 8.71 -16.41 -21.72
C PRO A 246 7.31 -16.84 -21.27
N SER A 247 6.85 -17.96 -21.81
CA SER A 247 5.53 -18.49 -21.48
C SER A 247 5.52 -19.20 -20.16
N ALA A 248 6.67 -19.70 -19.73
CA ALA A 248 6.76 -20.42 -18.48
C ALA A 248 7.94 -19.95 -17.63
N PRO A 249 7.82 -20.04 -16.31
CA PRO A 249 8.87 -19.68 -15.37
C PRO A 249 10.21 -20.30 -15.65
N LYS A 250 11.28 -19.65 -15.24
CA LYS A 250 12.65 -20.12 -15.49
C LYS A 250 13.28 -20.82 -14.31
N ASN A 251 12.87 -20.46 -13.09
CA ASN A 251 13.41 -21.10 -11.91
C ASN A 251 12.66 -22.41 -11.67
N SER A 252 13.30 -23.54 -11.96
CA SER A 252 12.71 -24.84 -11.65
C SER A 252 12.65 -24.91 -10.12
N GLY A 253 11.67 -25.60 -9.61
CA GLY A 253 11.41 -25.47 -8.18
C GLY A 253 10.42 -24.35 -7.84
N LEU A 254 10.03 -23.52 -8.82
CA LEU A 254 8.96 -22.53 -8.62
C LEU A 254 7.61 -23.21 -8.59
N ARG A 255 6.88 -23.03 -7.50
CA ARG A 255 5.48 -23.46 -7.43
C ARG A 255 4.68 -22.47 -6.60
N GLU A 256 3.36 -22.70 -6.55
CA GLU A 256 2.47 -21.93 -5.71
C GLU A 256 2.74 -22.15 -4.23
N MET A 257 2.57 -21.14 -3.40
CA MET A 257 2.77 -21.33 -1.97
C MET A 257 1.58 -22.10 -1.46
N LYS A 258 1.83 -22.94 -0.46
CA LYS A 258 0.79 -23.76 0.15
C LYS A 258 0.92 -23.57 1.70
N PRO A 259 -0.14 -23.90 2.47
CA PRO A 259 -0.20 -23.66 3.92
C PRO A 259 1.05 -24.13 4.68
N SER A 260 1.59 -25.31 4.34
CA SER A 260 2.84 -25.73 5.02
C SER A 260 4.08 -24.88 4.74
N ASP A 261 4.07 -23.98 3.77
CA ASP A 261 5.22 -23.10 3.57
C ASP A 261 5.24 -21.94 4.58
N VAL A 262 4.10 -21.71 5.25
CA VAL A 262 3.92 -20.53 6.06
C VAL A 262 5.15 -20.26 6.99
N PRO A 263 5.58 -21.24 7.81
CA PRO A 263 6.71 -20.93 8.67
C PRO A 263 8.05 -20.58 8.00
N GLN A 264 8.38 -21.22 6.89
CA GLN A 264 9.60 -20.86 6.21
C GLN A 264 9.50 -19.49 5.47
N VAL A 265 8.35 -19.21 4.85
CA VAL A 265 8.15 -17.93 4.17
C VAL A 265 8.27 -16.82 5.22
N ARG A 266 7.61 -16.99 6.33
CA ARG A 266 7.70 -16.01 7.42
C ARG A 266 9.13 -15.76 7.89
N ARG A 267 9.87 -16.83 8.11
CA ARG A 267 11.25 -16.66 8.52
C ARG A 267 12.16 -15.94 7.45
N ILE A 268 12.11 -16.36 6.19
CA ILE A 268 12.94 -15.66 5.18
C ILE A 268 12.43 -14.22 4.93
N LEU A 269 11.10 -14.01 4.97
CA LEU A 269 10.58 -12.62 4.89
C LEU A 269 11.05 -11.77 6.03
N MET A 270 10.85 -12.24 7.26
CA MET A 270 11.28 -11.48 8.43
C MET A 270 12.78 -11.15 8.43
N ASN A 271 13.60 -12.13 8.04
CA ASN A 271 15.04 -11.90 7.98
C ASN A 271 15.34 -10.75 7.03
N TYR A 272 14.73 -10.75 5.88
CA TYR A 272 14.88 -9.67 4.92
C TYR A 272 14.29 -8.35 5.38
N LEU A 273 13.05 -8.36 5.88
CA LEU A 273 12.39 -7.11 6.26
C LEU A 273 13.13 -6.44 7.37
N ASP A 274 13.76 -7.25 8.23
CA ASP A 274 14.44 -6.69 9.43
C ASP A 274 15.65 -5.75 9.11
N SER A 275 16.18 -5.83 7.91
CA SER A 275 17.21 -4.93 7.53
C SER A 275 16.74 -3.57 7.05
N PHE A 276 15.43 -3.26 7.14
CA PHE A 276 14.94 -1.96 6.69
C PHE A 276 14.65 -1.18 7.93
N ASP A 277 14.71 0.16 7.87
CA ASP A 277 14.35 0.95 9.04
C ASP A 277 12.88 0.94 9.41
N VAL A 278 11.98 1.01 8.42
CA VAL A 278 10.57 0.88 8.69
C VAL A 278 10.03 -0.39 8.01
N GLY A 279 9.44 -1.29 8.76
CA GLY A 279 8.85 -2.46 8.16
C GLY A 279 7.93 -3.18 9.09
N PRO A 280 7.01 -3.97 8.53
CA PRO A 280 6.10 -4.77 9.34
C PRO A 280 6.69 -6.05 9.95
N VAL A 281 6.08 -6.52 11.05
CA VAL A 281 6.39 -7.82 11.64
C VAL A 281 5.09 -8.62 11.60
N PHE A 282 5.18 -9.81 11.05
CA PHE A 282 4.02 -10.62 10.72
C PHE A 282 4.06 -11.94 11.56
N SER A 283 2.99 -12.31 12.23
CA SER A 283 2.85 -13.67 12.79
C SER A 283 2.60 -14.71 11.70
N ASP A 284 2.50 -15.99 12.05
CA ASP A 284 2.16 -17.01 11.03
C ASP A 284 0.76 -16.74 10.43
N ALA A 285 -0.18 -16.34 11.28
CA ALA A 285 -1.55 -16.04 10.89
C ALA A 285 -1.58 -14.92 9.84
N GLU A 286 -0.71 -13.92 10.03
CA GLU A 286 -0.67 -12.76 9.15
C GLU A 286 -0.02 -13.11 7.82
N ILE A 287 1.03 -13.95 7.85
CA ILE A 287 1.65 -14.53 6.67
C ILE A 287 0.64 -15.34 5.86
N SER A 288 -0.10 -16.23 6.53
CA SER A 288 -1.20 -16.93 5.98
C SER A 288 -2.17 -15.97 5.28
N HIS A 289 -2.69 -15.00 6.03
CA HIS A 289 -3.73 -14.12 5.48
C HIS A 289 -3.20 -13.33 4.25
N TYR A 290 -2.07 -12.69 4.40
CA TYR A 290 -1.60 -11.78 3.38
C TYR A 290 -0.91 -12.40 2.19
N LEU A 291 -0.42 -13.63 2.37
CA LEU A 291 0.37 -14.34 1.34
C LEU A 291 -0.19 -15.63 0.73
N LEU A 292 -1.06 -16.39 1.41
CA LEU A 292 -1.60 -17.60 0.76
C LEU A 292 -2.47 -17.22 -0.43
N PRO A 293 -2.26 -17.90 -1.56
CA PRO A 293 -3.01 -17.57 -2.74
C PRO A 293 -4.51 -17.51 -2.47
N ARG A 294 -5.14 -16.53 -3.07
CA ARG A 294 -6.52 -16.27 -2.84
C ARG A 294 -7.02 -15.77 -4.20
N ASP A 295 -7.92 -16.56 -4.78
CA ASP A 295 -8.24 -16.38 -6.20
C ASP A 295 -8.67 -14.96 -6.62
N GLY A 296 -8.06 -14.49 -7.66
CA GLY A 296 -8.34 -13.15 -8.16
C GLY A 296 -7.69 -12.00 -7.37
N VAL A 297 -7.10 -12.29 -6.22
CA VAL A 297 -6.70 -11.26 -5.26
C VAL A 297 -5.16 -11.23 -5.07
N VAL A 298 -4.59 -12.32 -4.54
CA VAL A 298 -3.17 -12.38 -4.25
C VAL A 298 -2.61 -13.71 -4.76
N PHE A 299 -1.37 -13.67 -5.26
CA PHE A 299 -0.75 -14.75 -6.00
C PHE A 299 0.63 -14.84 -5.44
N THR A 300 1.01 -15.98 -4.92
CA THR A 300 2.25 -16.13 -4.21
C THR A 300 2.93 -17.43 -4.64
N TYR A 301 4.20 -17.32 -4.98
CA TYR A 301 5.02 -18.46 -5.45
C TYR A 301 6.32 -18.59 -4.64
N VAL A 302 6.73 -19.82 -4.41
CA VAL A 302 7.94 -20.09 -3.65
C VAL A 302 8.93 -20.77 -4.59
N VAL A 303 10.22 -20.54 -4.40
CA VAL A 303 11.22 -21.40 -4.96
C VAL A 303 11.58 -22.41 -3.86
N GLU A 304 11.25 -23.66 -4.14
CA GLU A 304 11.55 -24.74 -3.20
C GLU A 304 12.58 -25.69 -3.76
N ASN A 305 13.64 -25.86 -3.02
CA ASN A 305 14.62 -26.83 -3.39
C ASN A 305 14.97 -27.74 -2.21
N ASP A 306 14.99 -29.03 -2.53
CA ASP A 306 15.22 -30.15 -1.58
C ASP A 306 14.34 -29.99 -0.35
N LYS A 307 13.06 -29.77 -0.68
CA LYS A 307 11.96 -29.52 0.26
C LYS A 307 12.12 -28.29 1.19
N LYS A 308 12.98 -27.34 0.80
CA LYS A 308 13.17 -26.09 1.57
C LYS A 308 12.88 -24.82 0.75
N VAL A 309 12.10 -23.91 1.31
CA VAL A 309 11.83 -22.64 0.67
C VAL A 309 13.03 -21.73 0.79
N THR A 310 13.60 -21.38 -0.35
CA THR A 310 14.74 -20.49 -0.36
C THR A 310 14.40 -19.11 -0.89
N ASP A 311 13.36 -19.00 -1.69
CA ASP A 311 12.93 -17.68 -2.22
C ASP A 311 11.42 -17.70 -2.42
N PHE A 312 10.80 -16.51 -2.41
CA PHE A 312 9.38 -16.34 -2.80
C PHE A 312 9.07 -14.94 -3.31
N PHE A 313 7.99 -14.85 -4.05
CA PHE A 313 7.38 -13.54 -4.41
C PHE A 313 5.89 -13.62 -4.37
N SER A 314 5.27 -12.45 -4.26
CA SER A 314 3.85 -12.32 -4.27
C SER A 314 3.51 -11.06 -5.07
N PHE A 315 2.36 -11.08 -5.71
CA PHE A 315 1.72 -9.89 -6.26
C PHE A 315 0.21 -9.98 -6.03
N TYR A 316 -0.47 -8.80 -6.03
CA TYR A 316 -1.95 -8.72 -5.80
C TYR A 316 -2.52 -7.90 -6.97
N ARG A 317 -3.79 -8.07 -7.18
CA ARG A 317 -4.49 -7.56 -8.35
C ARG A 317 -5.33 -6.35 -7.94
N ILE A 318 -5.10 -5.22 -8.60
CA ILE A 318 -6.02 -4.13 -8.55
C ILE A 318 -6.29 -3.73 -9.97
N PRO A 319 -7.48 -4.07 -10.51
CA PRO A 319 -7.83 -3.48 -11.83
C PRO A 319 -8.16 -2.01 -11.71
N SER A 320 -7.90 -1.25 -12.76
CA SER A 320 -8.35 0.16 -12.80
C SER A 320 -9.29 0.33 -13.99
N THR A 321 -10.42 1.00 -13.72
CA THR A 321 -11.34 1.51 -14.74
C THR A 321 -10.57 2.43 -15.68
N VAL A 322 -10.71 2.22 -16.98
CA VAL A 322 -10.05 3.08 -17.94
C VAL A 322 -11.10 4.17 -18.27
N ILE A 323 -10.85 5.38 -17.80
CA ILE A 323 -11.89 6.40 -17.72
C ILE A 323 -12.51 6.86 -19.01
N GLY A 324 -11.74 7.37 -19.94
CA GLY A 324 -12.42 8.02 -21.08
C GLY A 324 -12.56 7.13 -22.30
N ASN A 325 -13.03 5.90 -22.13
CA ASN A 325 -12.78 4.92 -23.18
C ASN A 325 -13.86 3.88 -23.46
N ALA A 326 -14.25 3.86 -24.73
CA ALA A 326 -15.19 2.89 -25.31
C ALA A 326 -14.63 1.44 -25.32
N ASN A 327 -13.50 1.23 -25.99
CA ASN A 327 -12.90 -0.12 -26.23
C ASN A 327 -12.80 -1.01 -24.97
N TYR A 328 -11.78 -0.77 -24.14
CA TYR A 328 -11.54 -1.56 -22.95
C TYR A 328 -11.97 -0.80 -21.70
N ASN A 329 -12.82 -1.41 -20.91
CA ASN A 329 -13.23 -0.81 -19.66
C ASN A 329 -12.18 -0.93 -18.52
N LEU A 330 -11.30 -1.94 -18.54
CA LEU A 330 -10.41 -2.24 -17.41
C LEU A 330 -8.96 -2.51 -17.78
N LEU A 331 -8.03 -1.94 -17.00
CA LEU A 331 -6.63 -2.34 -17.04
C LEU A 331 -6.35 -3.29 -15.86
N ASN A 332 -5.88 -4.48 -16.15
CA ASN A 332 -5.69 -5.49 -15.14
C ASN A 332 -4.23 -5.39 -14.64
N ALA A 333 -4.01 -4.76 -13.50
CA ALA A 333 -2.65 -4.55 -12.99
C ALA A 333 -2.36 -5.51 -11.82
N ALA A 334 -1.17 -6.10 -11.88
CA ALA A 334 -0.50 -6.84 -10.81
C ALA A 334 0.47 -5.90 -10.09
N TYR A 335 0.44 -5.86 -8.75
CA TYR A 335 1.29 -4.99 -7.94
C TYR A 335 2.28 -5.84 -7.15
N VAL A 336 3.56 -5.48 -7.18
CA VAL A 336 4.60 -6.29 -6.50
C VAL A 336 4.36 -6.14 -5.00
N HIS A 337 4.24 -7.27 -4.31
CA HIS A 337 3.86 -7.35 -2.88
C HIS A 337 5.18 -7.68 -2.13
N TYR A 338 5.18 -8.56 -1.12
CA TYR A 338 6.43 -8.94 -0.49
C TYR A 338 7.20 -10.03 -1.28
N TYR A 339 8.49 -10.16 -1.03
CA TYR A 339 9.31 -11.20 -1.64
C TYR A 339 10.58 -11.35 -0.79
N ALA A 340 11.37 -12.35 -1.12
CA ALA A 340 12.69 -12.52 -0.50
C ALA A 340 13.46 -13.49 -1.35
N ALA A 341 14.66 -13.09 -1.71
CA ALA A 341 15.59 -13.95 -2.48
C ALA A 341 16.82 -14.31 -1.64
N THR A 342 17.11 -15.60 -1.47
CA THR A 342 18.36 -16.02 -0.83
C THR A 342 19.29 -16.87 -1.71
N SER A 343 18.75 -17.49 -2.76
CA SER A 343 19.53 -18.39 -3.61
C SER A 343 19.69 -17.87 -5.04
N ILE A 344 18.95 -16.82 -5.39
CA ILE A 344 19.12 -16.24 -6.72
C ILE A 344 19.11 -14.72 -6.70
N PRO A 345 19.59 -14.12 -7.78
CA PRO A 345 19.55 -12.67 -7.83
C PRO A 345 18.06 -12.22 -7.97
N LEU A 346 17.74 -11.11 -7.35
CA LEU A 346 16.38 -10.59 -7.32
C LEU A 346 15.79 -10.37 -8.70
N HIS A 347 16.57 -9.83 -9.63
CA HIS A 347 16.01 -9.64 -10.98
C HIS A 347 15.52 -10.94 -11.62
N GLN A 348 16.19 -12.03 -11.29
CA GLN A 348 15.86 -13.35 -11.76
C GLN A 348 14.62 -13.94 -11.04
N LEU A 349 14.47 -13.66 -9.78
CA LEU A 349 13.24 -14.03 -9.09
C LEU A 349 12.03 -13.27 -9.63
N ILE A 350 12.17 -11.95 -9.80
CA ILE A 350 11.08 -11.07 -10.21
C ILE A 350 10.77 -11.23 -11.71
N LEU A 351 11.74 -11.65 -12.54
CA LEU A 351 11.41 -12.05 -13.92
C LEU A 351 10.31 -13.12 -13.97
N ASP A 352 10.37 -14.06 -13.05
CA ASP A 352 9.30 -15.06 -12.94
C ASP A 352 7.94 -14.50 -12.48
N LEU A 353 7.99 -13.47 -11.63
CA LEU A 353 6.77 -12.70 -11.30
C LEU A 353 6.15 -12.16 -12.58
N LEU A 354 6.98 -11.55 -13.42
CA LEU A 354 6.46 -10.99 -14.65
C LEU A 354 5.87 -12.05 -15.57
N ILE A 355 6.60 -13.16 -15.73
CA ILE A 355 6.17 -14.30 -16.58
C ILE A 355 4.83 -14.83 -16.08
N VAL A 356 4.75 -15.08 -14.76
CA VAL A 356 3.52 -15.55 -14.13
C VAL A 356 2.37 -14.55 -14.31
N ALA A 357 2.62 -13.28 -14.01
CA ALA A 357 1.57 -12.28 -14.17
C ALA A 357 1.09 -12.30 -15.61
N HIS A 358 2.05 -12.30 -16.50
CA HIS A 358 1.71 -12.22 -17.88
C HIS A 358 0.88 -13.44 -18.29
N SER A 359 1.27 -14.61 -17.81
CA SER A 359 0.55 -15.78 -18.33
C SER A 359 -0.83 -15.86 -17.71
N ARG A 360 -1.03 -15.22 -16.58
CA ARG A 360 -2.38 -15.14 -16.00
C ARG A 360 -3.20 -13.96 -16.53
N GLY A 361 -2.81 -13.35 -17.63
CA GLY A 361 -3.61 -12.33 -18.19
C GLY A 361 -3.55 -10.94 -17.56
N PHE A 362 -2.49 -10.56 -16.85
CA PHE A 362 -2.34 -9.17 -16.43
C PHE A 362 -1.74 -8.33 -17.55
N ASP A 363 -2.10 -7.04 -17.58
CA ASP A 363 -1.69 -6.12 -18.62
C ASP A 363 -0.39 -5.41 -18.30
N VAL A 364 -0.06 -5.33 -17.00
CA VAL A 364 0.98 -4.44 -16.47
C VAL A 364 1.30 -4.84 -15.07
N CYS A 365 2.53 -4.61 -14.69
CA CYS A 365 2.99 -4.82 -13.37
C CYS A 365 3.44 -3.46 -12.85
N ASN A 366 2.91 -3.10 -11.69
CA ASN A 366 3.23 -1.82 -11.03
CA ASN A 366 3.13 -1.83 -10.99
C ASN A 366 3.90 -2.02 -9.69
N MET A 367 4.63 -1.01 -9.26
CA MET A 367 5.26 -1.02 -7.96
C MET A 367 5.78 0.39 -7.57
N VAL A 368 6.10 0.54 -6.31
CA VAL A 368 6.81 1.68 -5.78
C VAL A 368 8.25 1.26 -5.45
N GLU A 369 9.16 2.23 -5.48
CA GLU A 369 10.56 1.97 -5.35
C GLU A 369 10.93 1.78 -3.87
N ILE A 370 10.15 0.97 -3.15
CA ILE A 370 10.49 0.59 -1.79
C ILE A 370 11.20 -0.74 -1.85
N LEU A 371 11.47 -1.32 -0.67
CA LEU A 371 12.25 -2.57 -0.58
C LEU A 371 13.49 -2.47 -1.48
N ASP A 372 13.79 -3.53 -2.22
CA ASP A 372 14.88 -3.48 -3.19
C ASP A 372 14.40 -3.38 -4.61
N ASN A 373 13.21 -2.79 -4.75
CA ASN A 373 12.55 -2.65 -6.03
C ASN A 373 13.40 -1.92 -7.10
N ARG A 374 14.20 -0.91 -6.75
CA ARG A 374 15.12 -0.27 -7.72
C ARG A 374 16.12 -1.19 -8.37
N SER A 375 16.53 -2.26 -7.67
CA SER A 375 17.60 -3.10 -8.15
C SER A 375 17.24 -3.83 -9.42
N PHE A 376 15.95 -3.99 -9.76
CA PHE A 376 15.58 -4.71 -10.99
C PHE A 376 14.87 -3.88 -12.08
N VAL A 377 14.80 -2.57 -11.89
CA VAL A 377 14.04 -1.68 -12.74
C VAL A 377 14.49 -1.73 -14.19
N GLU A 378 15.77 -1.46 -14.40
CA GLU A 378 16.30 -1.35 -15.76
C GLU A 378 16.32 -2.71 -16.46
N GLN A 379 16.87 -3.70 -15.80
CA GLN A 379 16.95 -5.07 -16.31
C GLN A 379 15.62 -5.68 -16.72
N LEU A 380 14.57 -5.37 -15.96
CA LEU A 380 13.27 -5.93 -16.28
C LEU A 380 12.37 -4.96 -17.08
N LYS A 381 12.91 -3.79 -17.40
CA LYS A 381 12.24 -2.85 -18.30
C LYS A 381 11.05 -2.18 -17.66
N PHE A 382 11.18 -1.78 -16.40
CA PHE A 382 10.14 -0.96 -15.78
C PHE A 382 10.46 0.49 -16.18
N GLY A 383 9.45 1.32 -16.37
CA GLY A 383 9.65 2.76 -16.41
C GLY A 383 8.87 3.51 -15.34
N ALA A 384 9.37 4.68 -14.93
CA ALA A 384 8.71 5.53 -13.91
C ALA A 384 7.35 5.96 -14.46
N GLY A 385 6.31 5.83 -13.63
CA GLY A 385 5.00 6.40 -13.94
C GLY A 385 4.96 7.84 -13.46
N ASP A 386 3.79 8.45 -13.50
CA ASP A 386 3.68 9.81 -13.03
C ASP A 386 3.27 9.86 -11.57
N GLY A 387 2.88 8.75 -10.95
CA GLY A 387 2.63 8.78 -9.48
C GLY A 387 3.85 8.81 -8.53
N HIS A 388 3.63 9.37 -7.34
CA HIS A 388 4.58 9.27 -6.23
C HIS A 388 3.83 8.85 -5.00
N LEU A 389 4.33 7.82 -4.28
CA LEU A 389 3.70 7.40 -3.05
C LEU A 389 4.45 8.01 -1.87
N ARG A 390 3.75 8.77 -1.03
CA ARG A 390 4.37 9.38 0.16
C ARG A 390 3.90 8.62 1.37
N TYR A 391 4.85 8.33 2.26
CA TYR A 391 4.65 7.64 3.50
C TYR A 391 4.65 8.64 4.68
N TYR A 392 3.72 8.42 5.62
CA TYR A 392 3.43 9.39 6.67
C TYR A 392 3.18 8.65 7.93
N PHE A 393 3.50 9.28 9.07
CA PHE A 393 3.07 8.79 10.35
C PHE A 393 2.16 9.84 10.99
N TYR A 394 1.24 9.37 11.82
CA TYR A 394 0.45 10.22 12.65
C TYR A 394 0.90 10.11 14.09
N ASN A 395 1.25 11.26 14.68
CA ASN A 395 1.74 11.35 16.02
C ASN A 395 3.04 10.57 16.23
N TRP A 396 3.99 10.77 15.33
CA TRP A 396 5.28 10.14 15.49
C TRP A 396 6.31 10.95 14.77
N ALA A 397 7.26 11.56 15.49
CA ALA A 397 8.39 12.28 14.87
C ALA A 397 9.33 11.25 14.31
N TYR A 398 9.78 11.49 13.08
CA TYR A 398 10.61 10.56 12.36
C TYR A 398 11.48 11.28 11.34
N PRO A 399 12.78 10.97 11.29
CA PRO A 399 13.68 11.55 10.27
C PRO A 399 13.28 11.23 8.85
N LYS A 400 13.73 12.04 7.92
CA LYS A 400 13.53 11.81 6.52
C LYS A 400 14.40 10.64 6.15
N ILE A 401 13.83 9.67 5.42
CA ILE A 401 14.59 8.50 4.97
C ILE A 401 14.30 8.26 3.50
N LYS A 402 15.18 7.54 2.82
CA LYS A 402 14.95 7.15 1.45
C LYS A 402 13.88 6.05 1.40
N PRO A 403 13.15 5.93 0.28
CA PRO A 403 12.10 4.88 0.20
C PRO A 403 12.72 3.48 0.16
N SER A 404 14.01 3.40 -0.19
CA SER A 404 14.75 2.14 -0.10
C SER A 404 15.00 1.72 1.35
N GLN A 405 14.69 2.57 2.31
CA GLN A 405 14.70 2.16 3.69
C GLN A 405 13.32 1.74 4.22
N VAL A 406 12.31 1.67 3.33
CA VAL A 406 10.96 1.34 3.77
C VAL A 406 10.54 -0.03 3.27
N ALA A 407 9.97 -0.87 4.15
CA ALA A 407 9.60 -2.22 3.73
C ALA A 407 8.10 -2.56 3.96
N LEU A 408 7.29 -1.58 4.28
CA LEU A 408 5.84 -1.74 4.43
C LEU A 408 5.22 -1.53 3.04
N VAL A 409 4.65 -2.57 2.47
CA VAL A 409 3.84 -2.46 1.27
C VAL A 409 2.40 -2.10 1.67
N MET A 410 1.84 -1.04 1.10
CA MET A 410 0.40 -0.70 1.30
C MET A 410 -0.51 -1.07 0.13
N LEU A 411 -1.65 -1.62 0.49
CA LEU A 411 -2.60 -2.16 -0.48
C LEU A 411 -3.48 -1.05 -1.14
S1 MYA B . -4.91 8.14 0.53
C2 MYA B . -6.21 8.16 -0.65
C3 MYA B . -7.30 9.21 -0.43
N4 MYA B . -8.41 9.06 -1.35
C5 MYA B . -8.60 9.48 -2.56
O5 MYA B . -7.80 10.08 -3.14
C6 MYA B . -9.89 9.16 -3.23
C7 MYA B . -10.35 10.31 -4.11
N8 MYA B . -10.49 11.51 -3.33
C9 MYA B . -11.30 11.73 -2.34
O9 MYA B . -12.08 10.94 -2.03
C10 MYA B . -11.32 13.06 -1.62
O10 MYA B . -10.77 14.07 -2.44
C11 MYA B . -10.60 13.03 -0.24
C12 MYA B . -10.51 14.42 0.33
C13 MYA B . -9.18 12.54 -0.41
C14 MYA B . -11.31 12.12 0.76
N1A MYA B . -5.22 12.35 3.14
O1A MYA B . -13.13 17.01 2.76
P1A MYA B . -12.26 18.00 2.21
C1X MYA B . -7.03 17.01 3.24
C2A MYA B . -5.39 13.18 4.12
O2A MYA B . -12.86 19.27 1.96
P2A MYA B . -12.14 16.37 -0.06
C2M MYA B . -5.53 7.40 1.88
O2M MYA B . -6.48 6.71 1.82
C2X MYA B . -6.71 18.39 2.72
O2X MYA B . -5.35 18.71 2.74
N3A MYA B . -5.87 14.37 3.93
O3A MYA B . -11.65 17.56 0.84
C3M MYA B . -4.89 7.61 3.24
C3X MYA B . -7.60 19.28 3.58
O3X MYA B . -7.04 19.68 4.80
P3X MYA B . -6.30 21.01 5.00
C4A MYA B . -6.21 14.78 2.74
O4A MYA B . -11.41 16.54 -1.22
C4M MYA B . -5.64 8.64 4.06
C4X MYA B . -8.77 18.41 3.85
O4X MYA B . -8.37 17.08 3.57
C5A MYA B . -6.06 13.95 1.69
O5A MYA B . -13.54 16.35 -0.21
C5M MYA B . -4.97 9.07 5.34
C5X MYA B . -9.90 18.85 2.96
O5X MYA B . -11.06 18.10 3.15
C6A MYA B . -5.53 12.69 1.92
N6A MYA B . -5.33 11.79 0.98
O6A MYA B . -11.72 15.05 0.66
C6M MYA B . -5.81 10.11 6.05
N7A MYA B . -6.51 14.62 0.67
O7A MYA B . -5.01 21.21 4.22
C7M MYA B . -5.17 10.66 7.30
C8A MYA B . -6.88 15.80 1.07
O8A MYA B . -7.23 22.19 4.99
C8M MYA B . -5.13 9.65 8.44
N9A MYA B . -6.73 15.89 2.34
O9A MYA B . -5.50 20.97 6.28
C9M MYA B . -4.42 10.16 9.67
CAM MYA B . -4.23 9.11 10.74
CBM MYA B . -5.51 8.80 11.46
CCM MYA B . -5.33 7.76 12.52
CDM MYA B . -4.73 8.25 13.83
CEM MYA B . -4.78 7.17 14.90
CFM MYA B . -3.86 7.37 16.08
C1 F5E C . 1.30 2.10 -17.03
C2 F5E C . 0.00 1.99 -16.26
C3 F5E C . -1.03 2.80 -16.98
C4 F5E C . 0.24 2.40 -14.83
C5 F5E C . -1.03 2.65 -14.03
C6 F5E C . -1.93 1.58 -14.01
C7 F5E C . -3.12 1.64 -13.33
C8 F5E C . -3.38 2.81 -12.63
C9 F5E C . -3.05 4.88 -11.80
C10 F5E C . -2.45 3.89 -12.61
C11 F5E C . -1.21 3.87 -13.31
C12 F5E C . 0.17 5.61 -10.67
O1 F5E C . 2.10 6.05 -12.21
S F5E C . 1.05 5.08 -11.94
O2 F5E C . 1.76 3.88 -11.64
N3 F5E C . -0.07 4.79 -13.22
N1 F5E C . -4.47 3.11 -11.86
N2 F5E C . -4.22 4.41 -11.36
C28 F5E C . -5.27 4.99 -10.48
C13 F5E C . -0.21 4.70 -9.68
C14 F5E C . -1.00 5.13 -8.64
C15 F5E C . -1.42 6.45 -8.52
C16 F5E C . -1.07 7.36 -9.53
C17 F5E C . -0.28 6.92 -10.59
C18 F5E C . -2.31 6.85 -7.36
C19 F5E C . -1.66 7.54 -6.16
C20 F5E C . -1.50 6.52 -5.05
C21 F5E C . -2.76 6.39 -4.20
C22 F5E C . -2.45 5.61 -2.94
C23 F5E C . -3.70 5.50 -2.14
C24 F5E C . -3.51 4.69 -0.86
N4 F5E C . -2.79 3.45 -1.12
C25 F5E C . -2.65 2.57 0.02
C26 F5E C . -1.89 3.21 -2.23
C27 F5E C . -1.99 4.23 -3.35
C1 GOL D . 1.09 -4.86 6.54
O1 GOL D . 0.08 -4.33 7.42
C2 GOL D . 0.82 -4.44 5.09
O2 GOL D . 1.39 -5.39 4.19
C3 GOL D . -0.69 -4.33 4.81
O3 GOL D . -0.87 -3.39 3.75
#